data_6D4N
#
_entry.id   6D4N
#
_cell.length_a   66.552
_cell.length_b   66.552
_cell.length_c   90.673
_cell.angle_alpha   90.00
_cell.angle_beta   90.00
_cell.angle_gamma   120.00
#
_symmetry.space_group_name_H-M   'P 32'
#
loop_
_entity.id
_entity.type
_entity.pdbx_description
1 polymer 'Fc fragment of IgG4'
2 branched 2-acetamido-2-deoxy-beta-D-glucopyranose-(1-2)-alpha-D-mannopyranose-(1-3)-[2-acetamido-2-deoxy-beta-D-glucopyranose-(1-2)-alpha-D-mannopyranose-(1-6)]beta-D-mannopyranose-(1-4)-2-acetamido-2-deoxy-beta-D-glucopyranose-(1-4)-[alpha-L-fucopyranose-(1-6)]2-acetamido-2-deoxy-beta-D-glucopyranose
#
_entity_poly.entity_id   1
_entity_poly.type   'polypeptide(L)'
_entity_poly.pdbx_seq_one_letter_code
;PPCPPCPAPELLGGPSVFLFPPKPKDTLMISRTPEVTCVVVDVSQEDPEVQFNWYVDGVEVHNAQTKPRERQFNSTYRVV
SVLTVTHQDWLNGKEYTCKVSNKGLPAPIEKTISKAKGQPREPQVYILPPPQEELTKNQVSLTCLVTGFYPSDIAVEWES
NGQPENTYKTTPPVLDSDGSYLLYSKLTVNKSRWQPGNIFTCSVMHEALHNHYTQKSLSVSPGK
;
_entity_poly.pdbx_strand_id   A,B
#
loop_
_chem_comp.id
_chem_comp.type
_chem_comp.name
_chem_comp.formula
BMA D-saccharide, beta linking beta-D-mannopyranose 'C6 H12 O6'
FUC L-saccharide, alpha linking alpha-L-fucopyranose 'C6 H12 O5'
MAN D-saccharide, alpha linking alpha-D-mannopyranose 'C6 H12 O6'
NAG D-saccharide, beta linking 2-acetamido-2-deoxy-beta-D-glucopyranose 'C8 H15 N O6'
#
# COMPACT_ATOMS: atom_id res chain seq x y z
N GLY A 14 18.79 20.69 14.17
CA GLY A 14 17.97 20.86 15.36
C GLY A 14 16.84 19.84 15.51
N PRO A 15 16.12 19.91 16.62
CA PRO A 15 15.06 18.93 16.88
C PRO A 15 13.89 19.07 15.91
N SER A 16 13.14 17.98 15.77
CA SER A 16 12.02 17.93 14.84
C SER A 16 10.78 17.37 15.53
N VAL A 17 9.62 17.86 15.09
CA VAL A 17 8.34 17.60 15.74
C VAL A 17 7.41 16.91 14.73
N PHE A 18 6.84 15.79 15.15
CA PHE A 18 5.94 15.00 14.32
C PHE A 18 4.65 14.75 15.09
N LEU A 19 3.58 15.36 14.62
CA LEU A 19 2.25 15.20 15.21
C LEU A 19 1.50 14.12 14.43
N PHE A 20 0.77 13.27 15.16
CA PHE A 20 0.10 12.12 14.58
C PHE A 20 -1.35 12.04 15.06
N PRO A 21 -2.25 11.58 14.20
CA PRO A 21 -3.67 11.63 14.49
C PRO A 21 -4.15 10.37 15.18
N PRO A 22 -5.42 10.33 15.59
CA PRO A 22 -5.99 9.07 16.09
C PRO A 22 -6.46 8.17 14.96
N LYS A 23 -6.25 6.87 15.16
CA LYS A 23 -6.55 5.90 14.11
C LYS A 23 -8.05 5.77 13.90
N PRO A 24 -8.49 5.39 12.70
CA PRO A 24 -9.94 5.42 12.39
C PRO A 24 -10.79 4.64 13.38
N LYS A 25 -10.33 3.45 13.76
CA LYS A 25 -11.07 2.62 14.72
C LYS A 25 -11.34 3.39 16.00
N ASP A 26 -10.30 4.01 16.57
CA ASP A 26 -10.47 4.71 17.84
C ASP A 26 -11.29 5.97 17.70
N THR A 27 -11.21 6.63 16.54
CA THR A 27 -12.04 7.81 16.30
C THR A 27 -13.50 7.44 16.14
N LEU A 28 -13.83 6.21 15.75
CA LEU A 28 -15.23 5.92 15.48
C LEU A 28 -16.16 5.47 16.63
N MET A 29 -15.67 4.91 17.73
CA MET A 29 -16.53 4.41 18.81
C MET A 29 -16.12 4.94 20.15
N ILE A 30 -17.06 5.01 21.10
CA ILE A 30 -16.78 5.68 22.40
C ILE A 30 -16.01 4.80 23.30
N SER A 31 -16.12 3.47 23.03
CA SER A 31 -15.62 2.43 23.86
C SER A 31 -14.15 2.66 23.99
N ARG A 32 -13.52 2.86 22.84
CA ARG A 32 -12.11 3.15 22.81
C ARG A 32 -11.85 4.63 23.09
N THR A 33 -10.59 4.96 23.32
CA THR A 33 -10.21 6.34 23.58
C THR A 33 -9.35 6.87 22.43
N PRO A 34 -9.86 7.83 21.65
CA PRO A 34 -9.05 8.37 20.54
C PRO A 34 -8.09 9.45 21.04
N GLU A 35 -6.86 9.41 20.51
CA GLU A 35 -5.77 10.21 21.02
C GLU A 35 -5.00 10.88 19.89
N VAL A 36 -4.44 12.05 20.20
CA VAL A 36 -3.59 12.82 19.31
C VAL A 36 -2.19 12.83 19.93
N THR A 37 -1.19 12.37 19.18
CA THR A 37 0.14 12.15 19.75
C THR A 37 1.14 13.12 19.14
N CYS A 38 1.79 13.92 19.98
CA CYS A 38 2.85 14.81 19.53
C CYS A 38 4.19 14.23 19.96
N VAL A 39 5.11 14.08 19.00
CA VAL A 39 6.39 13.40 19.24
C VAL A 39 7.51 14.34 18.83
N VAL A 40 8.40 14.64 19.75
CA VAL A 40 9.64 15.33 19.41
C VAL A 40 10.75 14.31 19.35
N VAL A 41 11.58 14.40 18.32
CA VAL A 41 12.84 13.67 18.27
C VAL A 41 13.96 14.67 18.05
N ASP A 42 15.18 14.21 18.34
CA ASP A 42 16.42 14.96 18.14
C ASP A 42 16.60 16.07 19.19
N VAL A 43 16.36 15.75 20.45
CA VAL A 43 16.69 16.63 21.56
C VAL A 43 18.07 16.21 22.06
N SER A 44 19.05 17.09 21.92
CA SER A 44 20.45 16.69 21.92
C SER A 44 20.93 16.32 23.32
N GLN A 45 22.25 16.18 23.46
CA GLN A 45 22.85 15.48 24.59
C GLN A 45 22.52 16.18 25.92
N GLU A 46 23.01 17.40 26.10
CA GLU A 46 22.67 18.13 27.31
C GLU A 46 21.95 19.43 26.96
N ASP A 47 20.95 19.32 26.10
CA ASP A 47 19.86 20.27 26.07
C ASP A 47 18.78 19.79 27.02
N PRO A 48 18.48 20.52 28.09
CA PRO A 48 17.50 20.02 29.09
C PRO A 48 16.10 19.84 28.54
N GLU A 49 15.12 19.83 29.44
CA GLU A 49 13.76 19.47 29.06
C GLU A 49 13.16 20.51 28.09
N VAL A 50 12.04 20.13 27.48
CA VAL A 50 11.27 20.97 26.55
C VAL A 50 9.81 20.83 26.99
N GLN A 51 8.95 21.86 26.80
CA GLN A 51 7.52 21.64 27.07
C GLN A 51 6.62 21.66 25.86
N PHE A 52 5.70 20.73 25.91
CA PHE A 52 4.44 20.78 25.22
C PHE A 52 3.56 21.93 25.73
N ASN A 53 3.18 22.82 24.84
CA ASN A 53 2.02 23.67 25.04
C ASN A 53 0.96 23.28 24.03
N TRP A 54 -0.10 22.66 24.53
CA TRP A 54 -1.17 22.22 23.66
C TRP A 54 -2.23 23.31 23.52
N TYR A 55 -2.91 23.30 22.38
CA TYR A 55 -4.08 24.16 22.19
C TYR A 55 -5.06 23.47 21.26
N VAL A 56 -6.35 23.76 21.44
CA VAL A 56 -7.42 23.25 20.61
C VAL A 56 -8.18 24.43 20.04
N ASP A 57 -8.12 24.59 18.72
CA ASP A 57 -8.69 25.76 18.04
C ASP A 57 -8.34 27.05 18.79
N GLY A 58 -7.07 27.15 19.17
CA GLY A 58 -6.55 28.34 19.80
C GLY A 58 -6.92 28.53 21.26
N VAL A 59 -7.11 27.44 22.01
CA VAL A 59 -7.37 27.52 23.45
C VAL A 59 -6.60 26.39 24.13
N GLU A 60 -5.91 26.71 25.23
CA GLU A 60 -5.01 25.77 25.89
C GLU A 60 -5.79 24.77 26.73
N VAL A 61 -5.58 23.48 26.46
CA VAL A 61 -6.01 22.40 27.32
C VAL A 61 -4.80 21.91 28.10
N HIS A 62 -5.05 21.37 29.29
CA HIS A 62 -3.97 21.04 30.22
C HIS A 62 -4.10 19.61 30.71
N ASN A 63 -4.51 18.69 29.82
CA ASN A 63 -4.87 17.34 30.22
C ASN A 63 -4.05 16.25 29.54
N ALA A 64 -3.03 16.61 28.78
CA ALA A 64 -2.28 15.63 28.02
C ALA A 64 -1.45 14.75 28.95
N GLN A 65 -1.70 13.44 28.91
CA GLN A 65 -0.88 12.51 29.69
C GLN A 65 0.48 12.36 29.04
N THR A 66 1.41 13.22 29.42
CA THR A 66 2.77 13.21 28.89
C THR A 66 3.59 12.12 29.57
N LYS A 67 4.57 11.59 28.83
CA LYS A 67 5.58 10.67 29.32
C LYS A 67 6.95 11.36 29.36
N PRO A 68 7.92 10.81 30.08
CA PRO A 68 9.22 11.48 30.20
C PRO A 68 10.23 11.01 29.15
N ARG A 69 11.32 11.78 29.05
CA ARG A 69 12.25 11.72 27.91
C ARG A 69 12.81 10.32 27.72
N GLU A 70 12.55 9.73 26.54
CA GLU A 70 12.97 8.38 26.20
C GLU A 70 14.21 8.43 25.32
N ARG A 71 15.36 8.08 25.90
CA ARG A 71 16.61 8.11 25.14
C ARG A 71 16.69 6.95 24.16
N GLN A 72 17.36 7.19 23.03
CA GLN A 72 17.34 6.31 21.87
C GLN A 72 18.69 5.63 21.66
N PHE A 73 18.69 4.64 20.76
CA PHE A 73 19.95 4.01 20.33
C PHE A 73 20.91 5.05 19.77
N ASN A 74 20.46 5.82 18.78
CA ASN A 74 21.33 6.77 18.08
C ASN A 74 21.60 8.02 18.91
N SER A 75 21.36 7.95 20.22
CA SER A 75 21.92 8.88 21.22
C SER A 75 21.21 10.24 21.23
N THR A 76 19.90 10.24 21.00
CA THR A 76 19.10 11.45 21.15
C THR A 76 18.00 11.22 22.19
N TYR A 77 17.34 12.31 22.57
CA TYR A 77 16.22 12.26 23.50
C TYR A 77 14.91 12.39 22.71
N ARG A 78 14.05 11.39 22.80
CA ARG A 78 12.76 11.39 22.13
C ARG A 78 11.64 11.51 23.15
N VAL A 79 10.74 12.47 22.92
CA VAL A 79 9.70 12.84 23.88
C VAL A 79 8.33 12.72 23.23
N VAL A 80 7.31 12.47 24.06
CA VAL A 80 5.96 12.14 23.58
C VAL A 80 4.93 12.76 24.52
N SER A 81 3.88 13.36 23.95
CA SER A 81 2.69 13.75 24.70
C SER A 81 1.45 13.23 24.01
N VAL A 82 0.64 12.49 24.77
CA VAL A 82 -0.60 11.90 24.27
C VAL A 82 -1.75 12.74 24.83
N LEU A 83 -2.48 13.42 23.96
CA LEU A 83 -3.65 14.18 24.36
C LEU A 83 -4.91 13.43 23.95
N THR A 84 -5.89 13.40 24.85
CA THR A 84 -7.13 12.69 24.61
C THR A 84 -8.23 13.67 24.20
N VAL A 85 -9.11 13.22 23.32
CA VAL A 85 -10.15 14.05 22.71
C VAL A 85 -11.45 13.25 22.69
N THR A 86 -12.55 13.94 22.43
CA THR A 86 -13.77 13.21 22.15
C THR A 86 -13.90 12.96 20.65
N HIS A 87 -14.89 12.14 20.31
CA HIS A 87 -15.10 11.77 18.90
C HIS A 87 -15.86 12.86 18.17
N GLN A 88 -16.87 13.42 18.83
CA GLN A 88 -17.56 14.59 18.31
C GLN A 88 -16.57 15.73 18.07
N ASP A 89 -15.62 15.92 18.99
CA ASP A 89 -14.55 16.89 18.80
C ASP A 89 -13.86 16.68 17.45
N TRP A 90 -13.30 15.49 17.24
CA TRP A 90 -12.50 15.24 16.04
C TRP A 90 -13.33 15.38 14.77
N LEU A 91 -14.52 14.75 14.76
CA LEU A 91 -15.33 14.79 13.55
C LEU A 91 -16.01 16.13 13.32
N ASN A 92 -15.94 17.06 14.28
CA ASN A 92 -16.31 18.44 13.98
C ASN A 92 -15.19 19.23 13.32
N GLY A 93 -14.06 18.60 13.04
CA GLY A 93 -12.96 19.29 12.39
C GLY A 93 -12.26 20.31 13.26
N LYS A 94 -12.01 19.98 14.52
CA LYS A 94 -11.30 20.87 15.42
C LYS A 94 -9.79 20.77 15.16
N GLU A 95 -9.12 21.92 15.20
CA GLU A 95 -7.70 22.00 14.88
C GLU A 95 -6.88 21.96 16.18
N TYR A 96 -6.05 20.94 16.31
CA TYR A 96 -5.23 20.71 17.49
C TYR A 96 -3.78 21.08 17.20
N THR A 97 -3.13 21.77 18.13
CA THR A 97 -1.76 22.18 17.94
C THR A 97 -0.90 21.79 19.14
N CYS A 98 0.25 21.21 18.84
CA CYS A 98 1.30 20.96 19.82
C CYS A 98 2.42 21.96 19.53
N LYS A 99 2.56 22.95 20.40
CA LYS A 99 3.67 23.88 20.39
C LYS A 99 4.75 23.35 21.33
N VAL A 100 6.00 23.62 21.00
CA VAL A 100 7.11 23.13 21.81
C VAL A 100 8.03 24.30 22.15
N SER A 101 8.13 24.61 23.44
CA SER A 101 9.29 25.36 23.91
C SER A 101 10.48 24.43 24.05
N ASN A 102 11.63 24.90 23.58
CA ASN A 102 12.88 24.19 23.74
C ASN A 102 13.75 24.94 24.73
N LYS A 103 14.69 24.23 25.32
CA LYS A 103 15.85 24.84 25.96
C LYS A 103 17.08 24.53 25.12
N GLY A 104 17.10 25.09 23.92
CA GLY A 104 18.18 24.90 22.98
C GLY A 104 18.00 25.72 21.71
N LEU A 105 17.52 25.09 20.64
CA LEU A 105 17.29 25.83 19.40
C LEU A 105 16.17 26.86 19.62
N PRO A 106 16.28 28.05 19.04
CA PRO A 106 15.62 29.21 19.64
C PRO A 106 14.10 29.17 19.63
N ALA A 107 13.49 28.66 18.56
CA ALA A 107 12.09 28.95 18.28
C ALA A 107 11.14 28.09 19.11
N PRO A 108 9.86 28.46 19.13
CA PRO A 108 8.83 27.46 19.37
C PRO A 108 8.49 26.77 18.06
N ILE A 109 8.01 25.54 18.16
CA ILE A 109 7.70 24.74 16.98
C ILE A 109 6.24 24.32 17.09
N GLU A 110 5.35 25.13 16.53
CA GLU A 110 3.95 24.78 16.44
C GLU A 110 3.74 23.72 15.36
N LYS A 111 2.97 22.69 15.67
CA LYS A 111 2.52 21.74 14.65
C LYS A 111 1.04 21.48 14.83
N THR A 112 0.30 21.50 13.73
CA THR A 112 -1.15 21.44 13.79
C THR A 112 -1.67 20.23 13.04
N ILE A 113 -2.79 19.71 13.53
CA ILE A 113 -3.43 18.53 12.97
C ILE A 113 -4.93 18.72 13.06
N SER A 114 -5.66 18.06 12.17
CA SER A 114 -7.12 18.07 12.20
C SER A 114 -7.62 17.04 11.18
N LYS A 115 -8.92 16.80 11.20
CA LYS A 115 -9.53 15.82 10.30
C LYS A 115 -9.37 16.27 8.85
N ALA A 116 -9.43 15.30 7.94
CA ALA A 116 -9.41 15.58 6.53
C ALA A 116 -10.62 16.43 6.13
N LYS A 117 -10.37 17.48 5.35
CA LYS A 117 -11.45 18.28 4.81
C LYS A 117 -11.99 17.63 3.54
N GLY A 118 -13.29 17.79 3.32
CA GLY A 118 -13.92 17.21 2.16
C GLY A 118 -15.26 16.57 2.50
N GLN A 119 -16.24 16.75 1.61
CA GLN A 119 -17.59 16.21 1.82
C GLN A 119 -17.53 14.69 1.92
N PRO A 120 -17.84 14.11 3.07
CA PRO A 120 -17.77 12.66 3.22
C PRO A 120 -18.77 11.96 2.31
N ARG A 121 -18.39 10.76 1.88
CA ARG A 121 -19.22 9.95 1.00
C ARG A 121 -19.51 8.61 1.64
N GLU A 122 -20.74 8.13 1.49
CA GLU A 122 -21.15 6.90 2.14
C GLU A 122 -20.55 5.70 1.44
N PRO A 123 -19.73 4.90 2.12
CA PRO A 123 -19.26 3.64 1.52
C PRO A 123 -20.45 2.73 1.21
N GLN A 124 -20.54 2.31 -0.04
CA GLN A 124 -21.48 1.26 -0.40
C GLN A 124 -20.71 -0.06 -0.35
N VAL A 125 -21.25 -1.02 0.41
CA VAL A 125 -20.55 -2.24 0.76
C VAL A 125 -21.30 -3.42 0.15
N TYR A 126 -20.55 -4.40 -0.34
CA TYR A 126 -21.14 -5.61 -0.90
C TYR A 126 -20.29 -6.81 -0.49
N ILE A 127 -20.93 -7.83 0.08
CA ILE A 127 -20.29 -9.14 0.11
C ILE A 127 -20.44 -9.77 -1.26
N LEU A 128 -19.38 -10.45 -1.69
CA LEU A 128 -19.33 -11.30 -2.84
C LEU A 128 -19.00 -12.72 -2.41
N PRO A 129 -19.71 -13.70 -2.96
CA PRO A 129 -19.47 -15.09 -2.59
C PRO A 129 -18.18 -15.60 -3.23
N PRO A 130 -17.87 -16.88 -3.10
CA PRO A 130 -16.71 -17.43 -3.82
C PRO A 130 -16.97 -17.47 -5.32
N PRO A 131 -15.98 -17.86 -6.11
CA PRO A 131 -16.25 -18.22 -7.51
C PRO A 131 -16.52 -19.71 -7.64
N GLN A 132 -17.44 -20.05 -8.55
CA GLN A 132 -17.76 -21.45 -8.84
C GLN A 132 -16.47 -22.27 -8.89
N GLU A 133 -15.53 -21.84 -9.74
CA GLU A 133 -14.18 -22.37 -9.83
C GLU A 133 -13.64 -22.88 -8.50
N GLU A 134 -13.62 -22.01 -7.49
CA GLU A 134 -12.88 -22.28 -6.26
C GLU A 134 -13.49 -23.42 -5.44
N LEU A 135 -14.76 -23.76 -5.65
CA LEU A 135 -15.47 -24.51 -4.62
C LEU A 135 -14.84 -25.87 -4.33
N THR A 136 -14.18 -26.48 -5.31
CA THR A 136 -13.57 -27.79 -5.07
C THR A 136 -12.27 -27.71 -4.29
N LYS A 137 -11.78 -26.52 -3.98
CA LYS A 137 -10.65 -26.38 -3.07
C LYS A 137 -11.08 -26.70 -1.64
N ASN A 138 -10.09 -26.98 -0.79
CA ASN A 138 -10.40 -27.34 0.59
C ASN A 138 -10.71 -26.12 1.46
N GLN A 139 -10.44 -24.91 0.97
CA GLN A 139 -10.83 -23.66 1.62
C GLN A 139 -11.47 -22.76 0.56
N VAL A 140 -12.13 -21.69 1.01
CA VAL A 140 -12.76 -20.73 0.08
C VAL A 140 -12.58 -19.30 0.59
N SER A 141 -12.80 -18.35 -0.33
CA SER A 141 -12.44 -16.95 -0.14
C SER A 141 -13.65 -16.05 -0.37
N LEU A 142 -14.27 -15.59 0.72
CA LEU A 142 -15.39 -14.65 0.65
C LEU A 142 -14.86 -13.22 0.63
N THR A 143 -15.51 -12.34 -0.14
CA THR A 143 -14.92 -11.04 -0.47
C THR A 143 -15.84 -9.89 -0.08
N CYS A 144 -15.40 -9.05 0.85
CA CYS A 144 -16.12 -7.82 1.16
C CYS A 144 -15.50 -6.67 0.38
N LEU A 145 -16.29 -6.02 -0.47
CA LEU A 145 -15.85 -4.91 -1.29
C LEU A 145 -16.54 -3.65 -0.82
N VAL A 146 -15.76 -2.63 -0.47
CA VAL A 146 -16.29 -1.36 0.01
C VAL A 146 -15.82 -0.26 -0.93
N THR A 147 -16.75 0.49 -1.51
CA THR A 147 -16.35 1.49 -2.50
C THR A 147 -17.04 2.82 -2.25
N GLY A 148 -16.43 3.87 -2.80
CA GLY A 148 -17.09 5.16 -2.87
C GLY A 148 -17.06 5.94 -1.58
N PHE A 149 -16.13 5.65 -0.71
CA PHE A 149 -16.09 6.25 0.62
C PHE A 149 -15.04 7.34 0.71
N TYR A 150 -15.25 8.21 1.68
CA TYR A 150 -14.38 9.36 1.96
C TYR A 150 -14.76 9.97 3.30
N PRO A 151 -13.79 10.37 4.13
CA PRO A 151 -12.35 10.17 3.96
C PRO A 151 -11.91 8.71 4.01
N SER A 152 -10.63 8.48 3.70
CA SER A 152 -10.06 7.15 3.51
C SER A 152 -10.01 6.32 4.80
N ASP A 153 -10.45 6.90 5.90
CA ASP A 153 -10.29 6.28 7.22
C ASP A 153 -11.48 5.38 7.50
N ILE A 154 -11.21 4.09 7.70
CA ILE A 154 -12.23 3.06 7.58
C ILE A 154 -11.77 1.81 8.30
N ALA A 155 -12.72 1.01 8.77
CA ALA A 155 -12.39 -0.20 9.52
C ALA A 155 -13.30 -1.36 9.10
N VAL A 156 -12.70 -2.50 8.79
CA VAL A 156 -13.44 -3.69 8.38
C VAL A 156 -13.15 -4.83 9.35
N GLU A 157 -14.18 -5.61 9.66
CA GLU A 157 -14.05 -6.80 10.49
C GLU A 157 -14.99 -7.87 9.95
N TRP A 158 -14.68 -9.12 10.27
CA TRP A 158 -15.49 -10.26 9.85
C TRP A 158 -15.91 -11.06 11.05
N GLU A 159 -17.19 -11.44 11.10
CA GLU A 159 -17.67 -12.34 12.13
C GLU A 159 -18.57 -13.41 11.51
N SER A 160 -18.95 -14.37 12.33
CA SER A 160 -19.70 -15.54 11.89
C SER A 160 -20.52 -16.04 13.06
N ASN A 161 -21.85 -15.94 12.93
CA ASN A 161 -22.77 -16.30 14.01
C ASN A 161 -22.46 -15.50 15.28
N GLY A 162 -22.06 -14.24 15.10
CA GLY A 162 -21.71 -13.36 16.19
C GLY A 162 -20.24 -13.33 16.56
N GLN A 163 -19.58 -14.49 16.53
CA GLN A 163 -18.18 -14.56 16.94
C GLN A 163 -17.28 -13.97 15.86
N PRO A 164 -16.29 -13.16 16.25
CA PRO A 164 -15.39 -12.55 15.24
C PRO A 164 -14.50 -13.57 14.54
N GLU A 165 -13.57 -13.09 13.71
CA GLU A 165 -12.76 -13.97 12.87
C GLU A 165 -11.27 -13.67 13.05
N ASN A 166 -10.47 -14.74 13.11
CA ASN A 166 -9.03 -14.57 13.24
C ASN A 166 -8.38 -14.13 11.93
N THR A 167 -8.47 -14.95 10.88
CA THR A 167 -7.84 -14.63 9.60
C THR A 167 -8.78 -13.80 8.76
N TYR A 168 -8.37 -12.59 8.45
CA TYR A 168 -8.99 -11.78 7.42
C TYR A 168 -7.98 -10.71 7.06
N LYS A 169 -7.67 -10.59 5.77
CA LYS A 169 -6.73 -9.59 5.32
C LYS A 169 -7.51 -8.46 4.67
N THR A 170 -6.89 -7.29 4.62
CA THR A 170 -7.55 -6.13 4.04
C THR A 170 -6.53 -5.29 3.30
N THR A 171 -6.85 -4.92 2.07
CA THR A 171 -5.99 -4.02 1.33
C THR A 171 -6.03 -2.64 1.97
N PRO A 172 -4.93 -1.90 1.92
CA PRO A 172 -5.01 -0.47 2.20
C PRO A 172 -5.86 0.21 1.15
N PRO A 173 -6.56 1.30 1.51
CA PRO A 173 -7.41 1.99 0.54
C PRO A 173 -6.73 2.31 -0.78
N VAL A 174 -7.52 2.51 -1.83
CA VAL A 174 -7.01 2.78 -3.17
C VAL A 174 -7.79 3.94 -3.75
N LEU A 175 -7.10 5.05 -4.01
CA LEU A 175 -7.71 6.20 -4.67
C LEU A 175 -8.34 5.78 -5.98
N ASP A 176 -9.56 6.26 -6.22
CA ASP A 176 -10.32 5.94 -7.41
C ASP A 176 -10.32 7.13 -8.38
N SER A 177 -10.79 6.88 -9.60
CA SER A 177 -10.71 7.87 -10.66
C SER A 177 -11.54 9.12 -10.36
N ASP A 178 -12.46 9.06 -9.40
CA ASP A 178 -13.26 10.23 -9.07
C ASP A 178 -12.87 10.89 -7.75
N GLY A 179 -12.00 10.27 -6.97
CA GLY A 179 -11.58 10.83 -5.70
C GLY A 179 -12.11 10.11 -4.49
N SER A 180 -13.00 9.14 -4.66
CA SER A 180 -13.38 8.28 -3.57
C SER A 180 -12.33 7.18 -3.40
N TYR A 181 -12.42 6.47 -2.30
CA TYR A 181 -11.53 5.35 -2.05
C TYR A 181 -12.32 4.04 -2.08
N LEU A 182 -11.58 2.95 -2.25
CA LEU A 182 -12.15 1.62 -2.31
C LEU A 182 -11.18 0.65 -1.64
N LEU A 183 -11.71 -0.50 -1.25
CA LEU A 183 -10.87 -1.55 -0.69
C LEU A 183 -11.61 -2.88 -0.72
N TYR A 184 -10.84 -3.94 -0.53
CA TYR A 184 -11.30 -5.32 -0.56
C TYR A 184 -10.86 -6.01 0.71
N SER A 185 -11.56 -7.10 1.04
CA SER A 185 -11.17 -7.93 2.18
C SER A 185 -11.50 -9.38 1.87
N LYS A 186 -10.49 -10.23 1.89
CA LYS A 186 -10.67 -11.66 1.71
C LYS A 186 -10.78 -12.35 3.07
N LEU A 187 -11.72 -13.28 3.17
CA LEU A 187 -11.84 -14.18 4.31
C LEU A 187 -11.71 -15.60 3.82
N THR A 188 -10.66 -16.29 4.29
CA THR A 188 -10.48 -17.71 4.03
C THR A 188 -11.21 -18.50 5.09
N VAL A 189 -12.10 -19.39 4.66
CA VAL A 189 -12.81 -20.28 5.57
C VAL A 189 -12.65 -21.71 5.08
N ASN A 190 -12.36 -22.61 6.01
CA ASN A 190 -12.34 -24.05 5.71
C ASN A 190 -13.68 -24.43 5.09
N LYS A 191 -13.62 -25.17 3.97
CA LYS A 191 -14.86 -25.59 3.33
C LYS A 191 -15.70 -26.41 4.30
N SER A 192 -15.07 -27.06 5.28
CA SER A 192 -15.79 -27.74 6.34
C SER A 192 -16.66 -26.80 7.16
N ARG A 193 -16.41 -25.49 7.12
CA ARG A 193 -17.23 -24.51 7.79
C ARG A 193 -18.24 -23.83 6.87
N TRP A 194 -17.94 -23.80 5.56
CA TRP A 194 -18.76 -23.05 4.61
C TRP A 194 -20.10 -23.74 4.38
N GLN A 195 -20.11 -25.06 4.17
CA GLN A 195 -21.28 -25.73 3.62
C GLN A 195 -22.07 -26.66 4.55
N PRO A 196 -22.28 -26.34 5.85
CA PRO A 196 -23.29 -27.10 6.59
C PRO A 196 -24.46 -26.23 7.04
N GLY A 197 -24.59 -25.05 6.44
CA GLY A 197 -25.63 -24.12 6.83
C GLY A 197 -25.18 -23.12 7.86
N ASN A 198 -24.33 -22.18 7.44
CA ASN A 198 -23.79 -21.15 8.32
C ASN A 198 -24.04 -19.78 7.69
N ILE A 199 -23.98 -18.74 8.52
CA ILE A 199 -24.13 -17.37 8.06
C ILE A 199 -22.84 -16.61 8.38
N PHE A 200 -22.38 -15.81 7.42
CA PHE A 200 -21.12 -15.09 7.52
C PHE A 200 -21.39 -13.61 7.32
N THR A 201 -20.57 -12.75 7.93
CA THR A 201 -20.87 -11.33 7.85
C THR A 201 -19.62 -10.45 7.88
N CYS A 202 -19.59 -9.49 6.97
CA CYS A 202 -18.70 -8.35 6.94
C CYS A 202 -19.24 -7.26 7.87
N SER A 203 -18.35 -6.32 8.23
CA SER A 203 -18.73 -5.22 9.11
C SER A 203 -17.79 -4.04 8.84
N VAL A 204 -18.37 -2.86 8.60
CA VAL A 204 -17.62 -1.70 8.14
C VAL A 204 -17.95 -0.50 9.02
N MET A 205 -16.94 0.32 9.29
CA MET A 205 -17.05 1.51 10.14
C MET A 205 -16.38 2.69 9.43
N HIS A 206 -17.09 3.82 9.39
CA HIS A 206 -16.70 5.01 8.65
C HIS A 206 -17.69 6.12 8.96
N GLU A 207 -17.22 7.37 8.94
CA GLU A 207 -17.99 8.47 9.51
C GLU A 207 -19.33 8.66 8.80
N ALA A 208 -19.34 8.55 7.48
CA ALA A 208 -20.53 8.87 6.68
C ALA A 208 -21.45 7.66 6.56
N LEU A 209 -21.92 7.17 7.70
CA LEU A 209 -22.79 6.01 7.75
C LEU A 209 -23.91 6.22 8.75
N HIS A 210 -24.84 5.26 8.77
CA HIS A 210 -25.83 5.16 9.82
C HIS A 210 -25.20 4.50 11.04
N ASN A 211 -25.12 5.23 12.15
CA ASN A 211 -24.50 4.75 13.39
C ASN A 211 -23.02 4.44 13.20
N HIS A 212 -22.37 5.10 12.23
CA HIS A 212 -20.95 4.88 11.92
C HIS A 212 -20.62 3.40 11.78
N TYR A 213 -21.57 2.61 11.30
CA TYR A 213 -21.38 1.17 11.23
C TYR A 213 -22.37 0.58 10.26
N THR A 214 -21.91 -0.33 9.41
CA THR A 214 -22.81 -1.04 8.51
C THR A 214 -22.25 -2.42 8.23
N GLN A 215 -23.15 -3.32 7.84
CA GLN A 215 -22.82 -4.74 7.70
C GLN A 215 -23.68 -5.37 6.62
N LYS A 216 -23.08 -6.25 5.84
CA LYS A 216 -23.77 -7.16 4.95
C LYS A 216 -23.58 -8.58 5.48
N SER A 217 -24.23 -9.56 4.84
CA SER A 217 -24.19 -10.93 5.33
C SER A 217 -24.58 -11.87 4.19
N LEU A 218 -24.15 -13.12 4.31
CA LEU A 218 -24.43 -14.09 3.24
C LEU A 218 -24.32 -15.51 3.78
N SER A 219 -24.73 -16.46 2.93
CA SER A 219 -24.91 -17.85 3.34
C SER A 219 -24.88 -18.75 2.11
N VAL A 220 -24.74 -20.04 2.35
CA VAL A 220 -25.06 -21.04 1.32
C VAL A 220 -26.57 -21.01 1.13
N SER A 221 -27.02 -20.35 0.08
CA SER A 221 -28.45 -20.18 -0.14
C SER A 221 -29.07 -21.44 -0.73
N GLY B 14 29.02 11.80 2.94
CA GLY B 14 29.52 11.31 1.67
C GLY B 14 28.45 10.82 0.72
N PRO B 15 28.86 10.44 -0.49
CA PRO B 15 27.89 10.00 -1.51
C PRO B 15 27.25 8.67 -1.16
N SER B 16 26.15 8.36 -1.87
CA SER B 16 25.36 7.19 -1.55
C SER B 16 24.81 6.55 -2.83
N VAL B 17 24.74 5.22 -2.83
CA VAL B 17 24.36 4.44 -4.01
C VAL B 17 22.98 3.81 -3.79
N PHE B 18 22.22 3.71 -4.88
CA PHE B 18 20.89 3.10 -4.85
C PHE B 18 20.69 2.32 -6.14
N LEU B 19 20.68 1.00 -6.03
CA LEU B 19 20.53 0.10 -7.16
C LEU B 19 19.10 -0.44 -7.18
N PHE B 20 18.47 -0.45 -8.35
CA PHE B 20 17.05 -0.73 -8.49
C PHE B 20 16.80 -1.89 -9.45
N PRO B 21 15.66 -2.56 -9.31
CA PRO B 21 15.40 -3.75 -10.13
C PRO B 21 14.49 -3.43 -11.30
N PRO B 22 14.44 -4.30 -12.30
CA PRO B 22 13.53 -4.10 -13.43
C PRO B 22 12.08 -4.28 -13.04
N LYS B 23 11.22 -3.80 -13.94
CA LYS B 23 9.80 -3.81 -13.63
C LYS B 23 9.23 -5.22 -13.71
N PRO B 24 8.26 -5.54 -12.84
CA PRO B 24 7.61 -6.83 -12.98
C PRO B 24 6.97 -7.02 -14.34
N LYS B 25 6.73 -6.00 -15.13
CA LYS B 25 6.11 -6.23 -16.42
C LYS B 25 7.17 -6.34 -17.51
N ASP B 26 8.28 -5.61 -17.37
CA ASP B 26 9.42 -5.76 -18.29
C ASP B 26 10.01 -7.17 -18.20
N THR B 27 10.18 -7.66 -16.98
CA THR B 27 10.86 -8.92 -16.74
C THR B 27 10.14 -10.11 -17.38
N LEU B 28 8.82 -9.99 -17.56
CA LEU B 28 8.03 -11.08 -18.09
C LEU B 28 7.90 -11.14 -19.61
N MET B 29 7.58 -10.01 -20.23
CA MET B 29 7.41 -10.02 -21.70
C MET B 29 8.67 -9.58 -22.42
N ILE B 30 8.86 -10.11 -23.61
CA ILE B 30 10.10 -9.89 -24.34
C ILE B 30 9.98 -8.83 -25.40
N SER B 31 9.03 -7.91 -25.22
CA SER B 31 8.96 -6.89 -26.23
C SER B 31 9.65 -5.69 -25.67
N ARG B 32 9.36 -5.50 -24.40
CA ARG B 32 9.96 -4.45 -23.62
C ARG B 32 11.35 -4.84 -23.15
N THR B 33 12.08 -3.87 -22.66
CA THR B 33 13.40 -4.19 -22.19
C THR B 33 13.42 -4.15 -20.67
N PRO B 34 13.69 -5.26 -19.99
CA PRO B 34 13.98 -5.19 -18.56
C PRO B 34 15.38 -4.64 -18.34
N GLU B 35 15.49 -3.67 -17.44
CA GLU B 35 16.74 -2.97 -17.20
C GLU B 35 17.02 -2.91 -15.71
N VAL B 36 18.28 -2.63 -15.39
CA VAL B 36 18.76 -2.53 -14.01
C VAL B 36 19.44 -1.18 -13.86
N THR B 37 18.90 -0.33 -12.99
CA THR B 37 19.32 1.07 -12.90
C THR B 37 20.13 1.26 -11.62
N CYS B 38 21.37 1.72 -11.75
CA CYS B 38 22.20 2.08 -10.61
C CYS B 38 22.30 3.59 -10.54
N VAL B 39 22.15 4.15 -9.33
CA VAL B 39 22.10 5.58 -9.13
C VAL B 39 23.09 5.97 -8.04
N VAL B 40 23.76 7.10 -8.22
CA VAL B 40 24.59 7.72 -7.19
C VAL B 40 24.00 9.09 -6.87
N VAL B 41 24.08 9.47 -5.60
CA VAL B 41 23.67 10.78 -5.12
C VAL B 41 24.72 11.31 -4.15
N ASP B 42 24.60 12.60 -3.84
CA ASP B 42 25.42 13.29 -2.85
C ASP B 42 26.90 13.32 -3.25
N VAL B 43 27.14 13.81 -4.46
CA VAL B 43 28.50 13.99 -4.98
C VAL B 43 28.74 15.50 -5.05
N SER B 44 29.57 16.00 -4.13
CA SER B 44 29.69 17.45 -3.94
C SER B 44 30.38 18.10 -5.15
N GLN B 45 30.60 19.41 -5.04
CA GLN B 45 30.70 20.26 -6.21
C GLN B 45 32.09 20.32 -6.86
N GLU B 46 33.15 19.92 -6.16
CA GLU B 46 34.37 19.58 -6.89
C GLU B 46 34.78 18.16 -6.57
N ASP B 47 33.80 17.25 -6.58
CA ASP B 47 34.07 15.83 -6.68
C ASP B 47 34.01 15.48 -8.15
N PRO B 48 35.15 15.23 -8.81
CA PRO B 48 35.11 14.86 -10.24
C PRO B 48 34.26 13.63 -10.51
N GLU B 49 34.21 13.24 -11.78
CA GLU B 49 33.29 12.18 -12.18
C GLU B 49 33.59 10.89 -11.42
N VAL B 50 32.55 10.13 -11.13
CA VAL B 50 32.69 8.79 -10.52
C VAL B 50 32.53 7.76 -11.65
N GLN B 51 32.94 6.52 -11.45
CA GLN B 51 32.84 5.56 -12.55
C GLN B 51 32.27 4.14 -12.38
N PHE B 52 31.00 3.96 -12.76
CA PHE B 52 30.38 2.65 -12.80
C PHE B 52 31.35 1.60 -13.33
N ASN B 53 31.62 0.62 -12.50
CA ASN B 53 32.07 -0.70 -12.92
C ASN B 53 30.92 -1.67 -12.71
N TRP B 54 30.48 -2.33 -13.76
CA TRP B 54 29.38 -3.29 -13.64
C TRP B 54 29.94 -4.71 -13.63
N TYR B 55 29.22 -5.61 -12.95
CA TYR B 55 29.57 -7.03 -13.00
C TYR B 55 28.33 -7.89 -12.84
N VAL B 56 28.16 -8.87 -13.73
CA VAL B 56 27.09 -9.85 -13.64
C VAL B 56 27.71 -11.16 -13.15
N ASP B 57 27.28 -11.62 -11.98
CA ASP B 57 27.82 -12.81 -11.34
C ASP B 57 29.36 -12.83 -11.40
N GLY B 58 29.97 -11.66 -11.27
CA GLY B 58 31.41 -11.57 -11.16
C GLY B 58 32.18 -11.43 -12.45
N VAL B 59 31.56 -10.98 -13.54
CA VAL B 59 32.26 -10.70 -14.79
C VAL B 59 31.73 -9.39 -15.35
N GLU B 60 32.62 -8.61 -15.97
CA GLU B 60 32.32 -7.24 -16.37
C GLU B 60 31.63 -7.22 -17.72
N VAL B 61 30.36 -6.79 -17.75
CA VAL B 61 29.69 -6.44 -18.98
C VAL B 61 29.95 -4.96 -19.26
N HIS B 62 29.65 -4.50 -20.47
CA HIS B 62 30.00 -3.14 -20.85
C HIS B 62 28.92 -2.44 -21.66
N ASN B 63 27.67 -2.91 -21.59
CA ASN B 63 26.60 -2.37 -22.43
C ASN B 63 25.70 -1.38 -21.71
N ALA B 64 25.98 -1.08 -20.44
CA ALA B 64 25.14 -0.15 -19.69
C ALA B 64 25.19 1.24 -20.31
N GLN B 65 24.02 1.78 -20.65
CA GLN B 65 23.92 3.12 -21.21
C GLN B 65 23.95 4.14 -20.07
N THR B 66 25.16 4.47 -19.65
CA THR B 66 25.37 5.48 -18.62
C THR B 66 25.01 6.87 -19.14
N LYS B 67 24.47 7.71 -18.27
CA LYS B 67 23.94 9.02 -18.61
C LYS B 67 24.83 10.14 -18.03
N PRO B 68 24.55 11.42 -18.31
CA PRO B 68 25.41 12.50 -17.80
C PRO B 68 25.11 12.86 -16.35
N ARG B 69 25.84 13.87 -15.86
CA ARG B 69 26.00 14.18 -14.44
C ARG B 69 25.00 15.27 -14.06
N GLU B 70 23.81 14.84 -13.62
CA GLU B 70 22.66 15.72 -13.52
C GLU B 70 22.67 16.56 -12.25
N ARG B 71 22.49 17.87 -12.41
CA ARG B 71 22.40 18.78 -11.27
C ARG B 71 21.05 18.63 -10.57
N GLN B 72 21.02 18.95 -9.28
CA GLN B 72 19.85 18.76 -8.45
C GLN B 72 19.48 20.05 -7.73
N PHE B 73 18.18 20.18 -7.41
CA PHE B 73 17.69 21.36 -6.69
C PHE B 73 18.52 21.64 -5.44
N ASN B 74 18.82 20.60 -4.64
CA ASN B 74 19.61 20.79 -3.43
C ASN B 74 21.11 20.93 -3.73
N SER B 75 21.46 21.28 -4.96
CA SER B 75 22.84 21.55 -5.39
C SER B 75 23.78 20.39 -5.09
N THR B 76 23.36 19.20 -5.51
CA THR B 76 24.20 18.00 -5.52
C THR B 76 24.34 17.51 -6.95
N TYR B 77 25.16 16.46 -7.12
CA TYR B 77 25.32 15.77 -8.40
C TYR B 77 24.73 14.38 -8.29
N ARG B 78 23.85 14.03 -9.22
CA ARG B 78 23.17 12.73 -9.24
C ARG B 78 23.47 12.04 -10.56
N VAL B 79 23.93 10.78 -10.49
CA VAL B 79 24.42 10.06 -11.67
C VAL B 79 23.65 8.75 -11.81
N VAL B 80 23.48 8.30 -13.07
CA VAL B 80 22.68 7.13 -13.40
C VAL B 80 23.42 6.27 -14.42
N SER B 81 23.30 4.95 -14.27
CA SER B 81 23.69 4.00 -15.31
C SER B 81 22.61 2.94 -15.43
N VAL B 82 21.97 2.89 -16.59
CA VAL B 82 20.96 1.89 -16.91
C VAL B 82 21.64 0.72 -17.62
N LEU B 83 21.25 -0.51 -17.29
CA LEU B 83 21.89 -1.69 -17.84
C LEU B 83 20.84 -2.69 -18.29
N THR B 84 20.80 -2.96 -19.59
CA THR B 84 19.85 -3.94 -20.13
C THR B 84 20.27 -5.36 -19.79
N VAL B 85 19.28 -6.21 -19.50
CA VAL B 85 19.48 -7.60 -19.11
C VAL B 85 18.46 -8.44 -19.87
N THR B 86 18.72 -9.74 -19.98
CA THR B 86 17.69 -10.58 -20.56
C THR B 86 16.75 -11.07 -19.47
N HIS B 87 15.57 -11.51 -19.90
CA HIS B 87 14.58 -12.04 -18.97
C HIS B 87 15.02 -13.38 -18.44
N GLN B 88 15.47 -14.26 -19.34
CA GLN B 88 16.14 -15.50 -18.96
C GLN B 88 17.15 -15.26 -17.84
N ASP B 89 18.07 -14.31 -18.07
CA ASP B 89 19.10 -14.03 -17.07
C ASP B 89 18.51 -13.64 -15.73
N TRP B 90 17.67 -12.61 -15.72
CA TRP B 90 17.16 -12.09 -14.46
C TRP B 90 16.36 -13.14 -13.69
N LEU B 91 15.58 -13.96 -14.42
CA LEU B 91 14.75 -14.97 -13.78
C LEU B 91 15.50 -16.28 -13.50
N ASN B 92 16.76 -16.38 -13.94
CA ASN B 92 17.63 -17.46 -13.48
C ASN B 92 18.34 -17.13 -12.17
N GLY B 93 18.18 -15.91 -11.67
CA GLY B 93 18.85 -15.52 -10.44
C GLY B 93 20.28 -15.07 -10.65
N LYS B 94 20.50 -14.21 -11.64
CA LYS B 94 21.81 -13.59 -11.84
C LYS B 94 22.00 -12.47 -10.83
N GLU B 95 23.21 -12.40 -10.27
CA GLU B 95 23.53 -11.40 -9.25
C GLU B 95 24.25 -10.23 -9.94
N TYR B 96 23.52 -9.13 -10.13
CA TYR B 96 24.02 -7.95 -10.82
C TYR B 96 24.61 -6.95 -9.82
N THR B 97 25.74 -6.34 -10.20
CA THR B 97 26.48 -5.48 -9.28
C THR B 97 26.89 -4.19 -9.97
N CYS B 98 26.69 -3.07 -9.25
CA CYS B 98 27.15 -1.75 -9.62
C CYS B 98 28.20 -1.32 -8.58
N LYS B 99 29.46 -1.31 -8.98
CA LYS B 99 30.57 -0.74 -8.24
C LYS B 99 30.78 0.70 -8.69
N VAL B 100 31.18 1.55 -7.76
CA VAL B 100 31.36 2.97 -8.03
C VAL B 100 32.65 3.43 -7.35
N SER B 101 33.59 3.92 -8.13
CA SER B 101 34.71 4.66 -7.55
C SER B 101 34.49 6.15 -7.71
N ASN B 102 34.93 6.92 -6.73
CA ASN B 102 34.83 8.36 -6.77
C ASN B 102 36.15 8.95 -7.25
N LYS B 103 36.27 10.27 -7.17
CA LYS B 103 37.55 10.96 -7.05
C LYS B 103 37.36 11.90 -5.86
N GLY B 104 37.50 11.33 -4.67
CA GLY B 104 37.17 11.99 -3.42
C GLY B 104 36.25 11.16 -2.55
N LEU B 105 36.74 10.00 -2.11
CA LEU B 105 36.01 9.05 -1.27
C LEU B 105 37.00 7.98 -0.82
N PRO B 106 37.07 7.67 0.48
CA PRO B 106 38.09 6.73 0.95
C PRO B 106 37.96 5.34 0.34
N ALA B 107 36.75 4.90 0.03
CA ALA B 107 36.55 3.57 -0.52
C ALA B 107 35.89 3.65 -1.89
N PRO B 108 35.74 2.53 -2.59
CA PRO B 108 34.71 2.42 -3.63
C PRO B 108 33.51 1.66 -3.10
N ILE B 109 32.32 1.94 -3.63
CA ILE B 109 31.07 1.42 -3.08
C ILE B 109 30.47 0.42 -4.04
N GLU B 110 30.20 -0.79 -3.57
CA GLU B 110 29.61 -1.85 -4.38
C GLU B 110 28.20 -2.14 -3.88
N LYS B 111 27.25 -2.23 -4.80
CA LYS B 111 25.91 -2.69 -4.47
C LYS B 111 25.51 -3.82 -5.41
N THR B 112 24.66 -4.71 -4.93
CA THR B 112 24.31 -5.92 -5.66
C THR B 112 22.81 -6.18 -5.52
N ILE B 113 22.26 -6.86 -6.54
CA ILE B 113 20.82 -7.03 -6.68
C ILE B 113 20.56 -8.32 -7.43
N SER B 114 19.36 -8.89 -7.24
CA SER B 114 18.95 -10.09 -7.97
C SER B 114 17.49 -10.37 -7.67
N LYS B 115 16.97 -11.41 -8.34
CA LYS B 115 15.60 -11.86 -8.18
C LYS B 115 15.34 -12.33 -6.74
N ALA B 116 14.07 -12.34 -6.35
CA ALA B 116 13.69 -12.78 -5.02
C ALA B 116 13.87 -14.29 -4.86
N LYS B 117 14.42 -14.68 -3.72
CA LYS B 117 14.65 -16.08 -3.40
C LYS B 117 13.40 -16.68 -2.76
N GLY B 118 13.07 -17.89 -3.17
CA GLY B 118 11.88 -18.56 -2.69
C GLY B 118 11.19 -19.33 -3.79
N GLN B 119 10.75 -20.55 -3.48
CA GLN B 119 10.07 -21.41 -4.44
C GLN B 119 8.86 -20.68 -5.01
N PRO B 120 8.90 -20.30 -6.29
CA PRO B 120 7.78 -19.54 -6.85
C PRO B 120 6.51 -20.38 -6.85
N ARG B 121 5.38 -19.71 -6.63
CA ARG B 121 4.10 -20.37 -6.54
C ARG B 121 3.14 -19.79 -7.56
N GLU B 122 2.47 -20.67 -8.30
CA GLU B 122 1.48 -20.25 -9.29
C GLU B 122 0.26 -19.68 -8.58
N PRO B 123 -0.23 -18.51 -8.96
CA PRO B 123 -1.52 -18.05 -8.45
C PRO B 123 -2.65 -18.85 -9.09
N GLN B 124 -3.90 -18.51 -8.76
CA GLN B 124 -4.96 -18.76 -9.73
C GLN B 124 -5.89 -17.57 -9.75
N VAL B 125 -6.33 -17.22 -10.94
CA VAL B 125 -7.19 -16.08 -11.15
C VAL B 125 -8.64 -16.51 -10.97
N TYR B 126 -9.45 -15.62 -10.43
CA TYR B 126 -10.90 -15.78 -10.39
C TYR B 126 -11.53 -14.45 -10.76
N ILE B 127 -12.21 -14.40 -11.91
CA ILE B 127 -13.17 -13.33 -12.09
C ILE B 127 -14.37 -13.60 -11.20
N LEU B 128 -14.90 -12.53 -10.62
CA LEU B 128 -16.11 -12.48 -9.85
C LEU B 128 -17.05 -11.46 -10.49
N PRO B 129 -18.33 -11.79 -10.56
CA PRO B 129 -19.30 -10.91 -11.18
C PRO B 129 -19.63 -9.76 -10.24
N PRO B 130 -20.60 -8.92 -10.60
CA PRO B 130 -21.10 -7.93 -9.63
C PRO B 130 -21.91 -8.59 -8.53
N PRO B 131 -22.47 -7.81 -7.61
CA PRO B 131 -23.47 -8.37 -6.68
C PRO B 131 -24.88 -8.04 -7.10
N GLN B 132 -25.83 -8.96 -6.84
CA GLN B 132 -27.23 -8.74 -7.20
C GLN B 132 -27.78 -7.46 -6.60
N GLU B 133 -27.11 -6.92 -5.57
CA GLU B 133 -27.42 -5.57 -5.10
C GLU B 133 -27.07 -4.53 -6.15
N GLU B 134 -25.84 -4.60 -6.68
CA GLU B 134 -25.31 -3.51 -7.50
C GLU B 134 -25.91 -3.46 -8.90
N LEU B 135 -26.52 -4.54 -9.38
CA LEU B 135 -26.90 -4.61 -10.80
C LEU B 135 -27.82 -3.46 -11.21
N THR B 136 -28.61 -2.92 -10.29
CA THR B 136 -29.47 -1.80 -10.65
C THR B 136 -28.72 -0.49 -10.80
N LYS B 137 -27.44 -0.43 -10.44
CA LYS B 137 -26.71 0.81 -10.41
C LYS B 137 -26.35 1.28 -11.83
N ASN B 138 -25.92 2.55 -11.91
CA ASN B 138 -25.55 3.17 -13.18
C ASN B 138 -24.27 2.60 -13.76
N GLN B 139 -23.41 2.03 -12.92
CA GLN B 139 -22.20 1.33 -13.35
C GLN B 139 -22.07 0.10 -12.47
N VAL B 140 -21.15 -0.80 -12.83
CA VAL B 140 -20.95 -2.03 -12.05
C VAL B 140 -19.47 -2.38 -11.97
N SER B 141 -19.14 -3.22 -11.00
CA SER B 141 -17.76 -3.49 -10.59
C SER B 141 -17.43 -4.97 -10.79
N LEU B 142 -16.80 -5.29 -11.92
CA LEU B 142 -16.31 -6.64 -12.14
C LEU B 142 -14.96 -6.82 -11.45
N THR B 143 -14.75 -7.98 -10.82
CA THR B 143 -13.65 -8.12 -9.87
C THR B 143 -12.72 -9.25 -10.28
N CYS B 144 -11.45 -8.95 -10.47
CA CYS B 144 -10.44 -9.99 -10.68
C CYS B 144 -9.68 -10.20 -9.37
N LEU B 145 -9.98 -11.31 -8.68
CA LEU B 145 -9.20 -11.74 -7.54
C LEU B 145 -8.07 -12.63 -8.03
N VAL B 146 -6.86 -12.38 -7.53
CA VAL B 146 -5.70 -13.20 -7.84
C VAL B 146 -5.00 -13.51 -6.53
N THR B 147 -4.67 -14.77 -6.30
CA THR B 147 -4.10 -15.12 -5.01
C THR B 147 -3.23 -16.36 -5.13
N GLY B 148 -2.33 -16.48 -4.15
CA GLY B 148 -1.43 -17.60 -4.07
C GLY B 148 -0.08 -17.34 -4.68
N PHE B 149 0.11 -16.18 -5.28
CA PHE B 149 1.30 -15.92 -6.07
C PHE B 149 2.45 -15.49 -5.20
N TYR B 150 3.57 -16.19 -5.36
CA TYR B 150 4.90 -15.77 -4.96
C TYR B 150 5.81 -15.98 -6.16
N PRO B 151 6.73 -15.05 -6.44
CA PRO B 151 6.98 -13.76 -5.78
C PRO B 151 5.92 -12.68 -6.02
N SER B 152 6.01 -11.63 -5.21
CA SER B 152 5.03 -10.54 -5.19
C SER B 152 4.96 -9.79 -6.52
N ASP B 153 5.99 -9.86 -7.35
CA ASP B 153 6.03 -9.09 -8.58
C ASP B 153 5.16 -9.76 -9.64
N ILE B 154 4.28 -8.96 -10.24
CA ILE B 154 3.12 -9.49 -10.95
C ILE B 154 2.49 -8.33 -11.71
N ALA B 155 1.60 -8.63 -12.66
CA ALA B 155 0.98 -7.57 -13.45
C ALA B 155 -0.38 -7.99 -13.97
N VAL B 156 -1.35 -7.08 -13.89
CA VAL B 156 -2.72 -7.36 -14.30
C VAL B 156 -3.18 -6.33 -15.33
N GLU B 157 -3.97 -6.78 -16.30
CA GLU B 157 -4.62 -5.92 -17.27
C GLU B 157 -6.05 -6.39 -17.48
N TRP B 158 -6.86 -5.50 -18.06
CA TRP B 158 -8.23 -5.84 -18.44
C TRP B 158 -8.42 -5.58 -19.92
N GLU B 159 -9.12 -6.49 -20.59
CA GLU B 159 -9.46 -6.30 -22.00
C GLU B 159 -10.92 -6.74 -22.19
N SER B 160 -11.47 -6.36 -23.34
CA SER B 160 -12.90 -6.48 -23.57
C SER B 160 -13.14 -6.69 -25.07
N ASN B 161 -13.73 -7.83 -25.42
CA ASN B 161 -13.93 -8.30 -26.78
C ASN B 161 -12.63 -8.56 -27.51
N GLY B 162 -11.48 -8.31 -26.87
CA GLY B 162 -10.20 -8.34 -27.52
C GLY B 162 -9.46 -7.03 -27.32
N GLN B 163 -10.22 -5.93 -27.39
CA GLN B 163 -9.63 -4.61 -27.20
C GLN B 163 -9.32 -4.38 -25.73
N PRO B 164 -8.17 -3.78 -25.40
CA PRO B 164 -7.81 -3.57 -24.00
C PRO B 164 -8.70 -2.51 -23.35
N GLU B 165 -8.63 -2.45 -22.03
CA GLU B 165 -9.44 -1.54 -21.23
C GLU B 165 -8.62 -0.35 -20.75
N ASN B 166 -9.26 0.81 -20.74
CA ASN B 166 -8.63 2.03 -20.22
C ASN B 166 -8.50 1.99 -18.70
N THR B 167 -9.63 2.16 -18.03
CA THR B 167 -9.66 2.49 -16.61
C THR B 167 -9.84 1.24 -15.78
N TYR B 168 -8.98 1.07 -14.78
CA TYR B 168 -9.18 0.10 -13.72
C TYR B 168 -8.23 0.47 -12.59
N LYS B 169 -8.39 -0.20 -11.47
CA LYS B 169 -7.56 0.05 -10.31
C LYS B 169 -7.15 -1.29 -9.71
N THR B 170 -5.90 -1.37 -9.26
CA THR B 170 -5.38 -2.58 -8.65
C THR B 170 -4.80 -2.24 -7.29
N THR B 171 -5.08 -3.09 -6.31
CA THR B 171 -4.44 -2.98 -5.02
C THR B 171 -2.97 -3.35 -5.16
N PRO B 172 -2.12 -2.85 -4.28
CA PRO B 172 -0.80 -3.45 -4.13
C PRO B 172 -0.95 -4.89 -3.65
N PRO B 173 0.03 -5.74 -3.90
CA PRO B 173 0.00 -7.09 -3.32
C PRO B 173 -0.21 -7.02 -1.80
N VAL B 174 -0.80 -8.08 -1.26
CA VAL B 174 -1.14 -8.13 0.16
C VAL B 174 -0.59 -9.45 0.70
N LEU B 175 0.37 -9.37 1.62
CA LEU B 175 0.94 -10.56 2.21
C LEU B 175 -0.14 -11.37 2.92
N ASP B 176 -0.10 -12.68 2.75
CA ASP B 176 -1.08 -13.59 3.31
C ASP B 176 -0.43 -14.43 4.41
N SER B 177 -1.29 -15.11 5.18
CA SER B 177 -0.85 -15.80 6.38
C SER B 177 0.09 -16.96 6.09
N ASP B 178 0.14 -17.45 4.85
CA ASP B 178 1.05 -18.54 4.49
C ASP B 178 2.34 -18.06 3.84
N GLY B 179 2.46 -16.76 3.56
CA GLY B 179 3.63 -16.25 2.86
C GLY B 179 3.43 -16.04 1.38
N SER B 180 2.28 -16.43 0.83
CA SER B 180 1.95 -16.06 -0.53
C SER B 180 1.41 -14.63 -0.55
N TYR B 181 1.26 -14.09 -1.75
CA TYR B 181 0.66 -12.78 -1.91
C TYR B 181 -0.67 -12.91 -2.67
N LEU B 182 -1.49 -11.87 -2.51
CA LEU B 182 -2.81 -11.80 -3.13
C LEU B 182 -3.08 -10.36 -3.51
N LEU B 183 -4.06 -10.17 -4.39
CA LEU B 183 -4.52 -8.85 -4.75
C LEU B 183 -5.87 -8.93 -5.43
N TYR B 184 -6.54 -7.79 -5.48
CA TYR B 184 -7.82 -7.61 -6.14
C TYR B 184 -7.68 -6.52 -7.19
N SER B 185 -8.48 -6.61 -8.23
CA SER B 185 -8.55 -5.55 -9.24
C SER B 185 -10.01 -5.30 -9.60
N LYS B 186 -10.40 -4.04 -9.66
CA LYS B 186 -11.76 -3.65 -9.96
C LYS B 186 -11.84 -3.06 -11.36
N LEU B 187 -12.97 -3.29 -12.02
CA LEU B 187 -13.26 -2.67 -13.31
C LEU B 187 -14.68 -2.14 -13.28
N THR B 188 -14.81 -0.81 -13.31
CA THR B 188 -16.11 -0.17 -13.51
C THR B 188 -16.48 -0.23 -14.98
N VAL B 189 -17.68 -0.77 -15.25
CA VAL B 189 -18.21 -0.80 -16.60
C VAL B 189 -19.61 -0.21 -16.58
N ASN B 190 -19.93 0.56 -17.62
CA ASN B 190 -21.21 1.24 -17.69
C ASN B 190 -22.35 0.22 -17.68
N LYS B 191 -23.40 0.53 -16.91
CA LYS B 191 -24.61 -0.30 -16.92
C LYS B 191 -25.07 -0.57 -18.35
N SER B 192 -25.13 0.49 -19.15
CA SER B 192 -25.43 0.36 -20.57
C SER B 192 -24.58 -0.70 -21.24
N ARG B 193 -23.25 -0.57 -21.13
CA ARG B 193 -22.34 -1.41 -21.89
C ARG B 193 -22.27 -2.85 -21.35
N TRP B 194 -22.69 -3.06 -20.11
CA TRP B 194 -22.58 -4.38 -19.47
C TRP B 194 -23.52 -5.40 -20.11
N GLN B 195 -24.83 -5.11 -20.10
CA GLN B 195 -25.92 -6.00 -20.49
C GLN B 195 -25.64 -6.64 -21.85
N PRO B 196 -25.87 -5.95 -23.02
CA PRO B 196 -25.78 -6.62 -24.33
C PRO B 196 -24.83 -7.78 -24.53
N GLY B 197 -24.76 -8.76 -23.62
CA GLY B 197 -23.74 -9.79 -23.64
C GLY B 197 -22.44 -9.34 -24.27
N ASN B 198 -21.80 -8.35 -23.67
CA ASN B 198 -20.39 -8.14 -23.93
C ASN B 198 -19.60 -9.13 -23.07
N ILE B 199 -18.36 -9.36 -23.45
CA ILE B 199 -17.53 -10.33 -22.74
C ILE B 199 -16.24 -9.68 -22.31
N PHE B 200 -15.90 -9.88 -21.04
CA PHE B 200 -14.87 -9.13 -20.33
C PHE B 200 -13.82 -10.11 -19.83
N THR B 201 -12.55 -9.71 -19.83
CA THR B 201 -11.51 -10.64 -19.39
C THR B 201 -10.36 -9.93 -18.69
N CYS B 202 -10.09 -10.41 -17.48
CA CYS B 202 -8.88 -10.06 -16.73
C CYS B 202 -7.74 -10.97 -17.16
N SER B 203 -6.54 -10.40 -17.27
CA SER B 203 -5.35 -11.15 -17.68
C SER B 203 -4.20 -10.81 -16.75
N VAL B 204 -3.38 -11.82 -16.44
CA VAL B 204 -2.39 -11.75 -15.37
C VAL B 204 -1.06 -12.32 -15.85
N MET B 205 0.03 -11.69 -15.42
CA MET B 205 1.40 -11.99 -15.81
C MET B 205 2.23 -12.21 -14.55
N HIS B 206 2.95 -13.33 -14.50
CA HIS B 206 3.72 -13.75 -13.35
C HIS B 206 4.76 -14.76 -13.78
N GLU B 207 5.78 -14.94 -12.93
CA GLU B 207 6.88 -15.86 -13.24
C GLU B 207 6.36 -17.28 -13.45
N ALA B 208 5.38 -17.70 -12.65
CA ALA B 208 5.04 -19.11 -12.50
C ALA B 208 3.81 -19.52 -13.29
N LEU B 209 3.62 -19.00 -14.50
CA LEU B 209 2.47 -19.33 -15.31
C LEU B 209 2.90 -19.98 -16.62
N HIS B 210 1.95 -20.69 -17.23
CA HIS B 210 2.14 -21.21 -18.58
C HIS B 210 2.12 -20.04 -19.57
N ASN B 211 3.21 -19.90 -20.32
CA ASN B 211 3.47 -18.71 -21.13
C ASN B 211 3.52 -17.44 -20.30
N HIS B 212 3.83 -17.57 -19.01
CA HIS B 212 3.84 -16.47 -18.04
C HIS B 212 2.52 -15.70 -18.01
N TYR B 213 1.45 -16.30 -18.48
CA TYR B 213 0.25 -15.53 -18.82
C TYR B 213 -1.00 -16.36 -18.61
N THR B 214 -2.01 -15.78 -17.98
CA THR B 214 -3.30 -16.46 -17.90
C THR B 214 -4.43 -15.46 -17.91
N GLN B 215 -5.59 -15.91 -18.40
CA GLN B 215 -6.81 -15.12 -18.33
C GLN B 215 -7.96 -15.98 -17.80
N LYS B 216 -8.83 -15.33 -17.06
CA LYS B 216 -10.21 -15.76 -16.92
C LYS B 216 -11.10 -14.76 -17.66
N SER B 217 -12.35 -15.15 -17.88
CA SER B 217 -13.27 -14.28 -18.61
C SER B 217 -14.69 -14.59 -18.17
N LEU B 218 -15.60 -13.69 -18.51
CA LEU B 218 -17.00 -13.91 -18.15
C LEU B 218 -17.89 -13.08 -19.07
N SER B 219 -19.19 -13.36 -18.99
CA SER B 219 -20.20 -12.75 -19.83
C SER B 219 -21.30 -12.16 -18.94
N VAL B 220 -22.42 -11.80 -19.56
CA VAL B 220 -23.68 -11.64 -18.85
C VAL B 220 -24.42 -12.95 -19.03
N SER B 221 -24.35 -13.82 -18.03
CA SER B 221 -24.92 -15.15 -18.12
C SER B 221 -26.18 -15.28 -17.27
C1 NAG C . 17.35 8.50 15.88
C2 NAG C . 17.04 9.48 14.73
C3 NAG C . 15.59 9.98 14.82
C4 NAG C . 14.63 8.80 14.92
C5 NAG C . 15.01 7.97 16.13
C6 NAG C . 14.11 6.77 16.36
C7 NAG C . 19.04 10.69 14.00
C8 NAG C . 19.88 11.92 14.19
N2 NAG C . 17.95 10.60 14.76
O3 NAG C . 15.31 10.81 13.70
O4 NAG C . 13.27 9.24 15.05
O5 NAG C . 16.33 7.48 15.96
O6 NAG C . 13.78 6.07 15.17
O7 NAG C . 19.34 9.83 13.18
C1 NAG C . 12.67 9.22 13.73
C2 NAG C . 11.20 8.81 13.79
C3 NAG C . 10.57 8.91 12.40
C4 NAG C . 10.82 10.29 11.79
C5 NAG C . 12.30 10.63 11.85
C6 NAG C . 12.61 12.02 11.38
C7 NAG C . 10.51 7.20 15.52
C8 NAG C . 10.45 5.76 15.90
N2 NAG C . 11.04 7.47 14.33
O3 NAG C . 9.17 8.65 12.50
O4 NAG C . 10.44 10.34 10.42
O5 NAG C . 12.78 10.53 13.20
O6 NAG C . 14.01 12.22 11.25
O7 NAG C . 10.11 8.10 16.26
C1 BMA C . 9.07 10.73 10.21
C2 BMA C . 8.85 11.44 8.85
C3 BMA C . 7.33 11.64 8.53
C4 BMA C . 6.47 10.42 8.98
C5 BMA C . 6.93 9.80 10.33
C6 BMA C . 6.32 8.45 10.57
O2 BMA C . 9.37 10.62 7.82
O3 BMA C . 7.12 11.85 7.13
O4 BMA C . 5.10 10.84 9.11
O5 BMA C . 8.29 9.55 10.26
O6 BMA C . 6.69 7.98 11.86
C1 MAN C . 6.75 13.21 6.78
C2 MAN C . 6.10 13.17 5.33
C3 MAN C . 7.22 12.91 4.27
C4 MAN C . 8.51 13.73 4.49
C5 MAN C . 8.96 13.69 5.97
C6 MAN C . 10.11 14.65 6.25
O2 MAN C . 5.35 14.38 4.94
O3 MAN C . 6.75 13.07 2.93
O4 MAN C . 9.55 13.23 3.67
O5 MAN C . 7.87 14.05 6.83
O6 MAN C . 10.61 14.37 7.55
C1 NAG C . 4.52 14.82 6.06
C2 NAG C . 4.31 16.37 6.03
C3 NAG C . 2.83 16.74 5.93
C4 NAG C . 2.14 15.86 4.90
C5 NAG C . 2.00 14.48 5.52
C6 NAG C . 1.69 13.40 4.50
C7 NAG C . 6.22 17.06 7.41
C8 NAG C . 6.65 17.73 8.67
N2 NAG C . 4.91 17.00 7.19
O3 NAG C . 2.70 18.11 5.56
O4 NAG C . 0.83 16.38 4.66
O5 NAG C . 3.19 14.09 6.22
O6 NAG C . 2.71 13.28 3.52
O7 NAG C . 7.04 16.60 6.61
C1 MAN C . 5.72 6.98 12.23
C2 MAN C . 5.81 6.65 13.72
C3 MAN C . 7.16 6.09 14.03
C4 MAN C . 7.35 4.80 13.22
C5 MAN C . 7.17 5.09 11.71
C6 MAN C . 7.13 3.83 10.88
O2 MAN C . 4.97 5.54 13.99
O3 MAN C . 7.31 5.81 15.42
O4 MAN C . 8.65 4.26 13.45
O5 MAN C . 5.93 5.80 11.47
O6 MAN C . 6.35 4.11 9.72
C1 NAG C . 3.59 5.93 14.03
C2 NAG C . 2.75 4.65 13.94
C3 NAG C . 1.27 4.97 14.18
C4 NAG C . 1.09 5.76 15.47
C5 NAG C . 1.97 7.00 15.41
C6 NAG C . 1.91 7.83 16.68
C7 NAG C . 3.79 3.00 12.45
C8 NAG C . 3.81 2.43 11.05
N2 NAG C . 2.92 3.99 12.65
O3 NAG C . 0.55 3.74 14.27
O4 NAG C . -0.28 6.15 15.61
O5 NAG C . 3.33 6.60 15.24
O6 NAG C . 2.56 7.16 17.75
O7 NAG C . 4.50 2.56 13.34
C1 FUC C . 14.50 4.82 15.20
C2 FUC C . 13.98 3.90 14.06
C3 FUC C . 15.06 3.58 13.04
C4 FUC C . 16.31 3.07 13.76
C5 FUC C . 16.88 4.18 14.64
C6 FUC C . 17.63 3.68 15.88
O2 FUC C . 12.81 4.43 13.42
O3 FUC C . 14.62 2.55 12.18
O4 FUC C . 15.98 1.94 14.56
O5 FUC C . 15.89 5.13 15.11
C1 NAG D . 19.37 15.84 -2.69
C2 NAG D . 19.36 14.83 -1.54
C3 NAG D . 19.38 13.39 -2.08
C4 NAG D . 18.23 13.18 -3.06
C5 NAG D . 18.34 14.21 -4.17
C6 NAG D . 17.23 14.13 -5.20
C7 NAG D . 20.36 15.56 0.59
C8 NAG D . 21.63 15.70 1.38
N2 NAG D . 20.49 15.04 -0.63
O3 NAG D . 19.32 12.48 -0.98
O4 NAG D . 18.28 11.87 -3.62
O5 NAG D . 18.30 15.53 -3.61
O6 NAG D . 15.94 13.88 -4.64
O7 NAG D . 19.27 15.91 1.05
C1 NAG D . 17.48 10.97 -2.80
C2 NAG D . 16.81 9.89 -3.66
C3 NAG D . 16.12 8.83 -2.79
C4 NAG D . 17.03 8.34 -1.66
C5 NAG D . 17.62 9.54 -0.93
C6 NAG D . 18.60 9.19 0.17
C7 NAG D . 16.00 10.60 -5.89
C8 NAG D . 14.90 11.30 -6.63
N2 NAG D . 15.84 10.51 -4.55
O3 NAG D . 15.76 7.74 -3.64
O4 NAG D . 16.32 7.57 -0.69
O5 NAG D . 18.34 10.35 -1.87
O6 NAG D . 19.00 10.35 0.87
O7 NAG D . 16.99 10.14 -6.45
C1 BMA D . 16.09 6.18 -1.04
C2 BMA D . 16.04 5.20 0.19
C3 BMA D . 15.63 3.75 -0.23
C4 BMA D . 14.60 3.73 -1.42
C5 BMA D . 14.75 4.90 -2.43
C6 BMA D . 13.54 5.06 -3.29
O2 BMA D . 15.08 5.61 1.14
O3 BMA D . 15.07 2.96 0.88
O4 BMA D . 14.69 2.50 -2.12
O5 BMA D . 14.88 6.10 -1.72
O6 BMA D . 13.84 5.91 -4.39
C1 MAN D . 15.96 1.97 1.48
C2 MAN D . 15.13 1.07 2.48
C3 MAN D . 14.76 1.89 3.74
C4 MAN D . 15.99 2.58 4.33
C5 MAN D . 16.69 3.42 3.25
C6 MAN D . 17.98 4.06 3.74
O2 MAN D . 15.85 -0.09 2.95
O3 MAN D . 14.08 1.12 4.72
O4 MAN D . 15.59 3.44 5.39
O5 MAN D . 17.04 2.60 2.12
O6 MAN D . 18.09 5.32 3.11
C1 NAG D . 16.23 -0.81 1.73
C2 NAG D . 17.60 -1.55 1.92
C3 NAG D . 17.54 -3.05 1.52
C4 NAG D . 16.63 -3.36 0.32
C5 NAG D . 15.61 -2.25 0.08
C6 NAG D . 14.36 -2.69 -0.63
C7 NAG D . 19.20 0.28 1.63
C8 NAG D . 20.26 0.88 0.76
N2 NAG D . 18.65 -0.85 1.20
O3 NAG D . 17.20 -3.85 2.64
O4 NAG D . 17.41 -3.55 -0.85
O5 NAG D . 15.24 -1.73 1.34
O6 NAG D . 13.35 -3.06 0.31
O7 NAG D . 18.88 0.79 2.70
C1 MAN D . 12.93 5.55 -5.45
C2 MAN D . 13.31 6.27 -6.73
C3 MAN D . 13.27 7.76 -6.45
C4 MAN D . 11.83 8.14 -6.11
C5 MAN D . 11.33 7.32 -4.90
C6 MAN D . 9.84 7.44 -4.67
O2 MAN D . 12.27 6.12 -7.67
O3 MAN D . 13.73 8.52 -7.56
O4 MAN D . 11.73 9.52 -5.83
O5 MAN D . 11.60 5.89 -5.08
O6 MAN D . 9.37 6.19 -4.18
C1 NAG D . 12.26 4.82 -8.26
C2 NAG D . 10.95 4.66 -9.03
C3 NAG D . 10.97 3.39 -9.88
C4 NAG D . 12.22 3.33 -10.74
C5 NAG D . 13.44 3.45 -9.85
C6 NAG D . 14.74 3.47 -10.62
C7 NAG D . 9.07 5.73 -7.86
C8 NAG D . 7.92 5.51 -6.92
N2 NAG D . 9.82 4.65 -8.13
O3 NAG D . 9.81 3.37 -10.70
O4 NAG D . 12.27 2.10 -11.46
O5 NAG D . 13.37 4.70 -9.14
O6 NAG D . 14.82 4.60 -11.48
O7 NAG D . 9.32 6.82 -8.34
C1 FUC D . 15.21 15.13 -4.67
C2 FUC D . 13.70 14.87 -4.42
C3 FUC D . 13.26 15.40 -3.05
C4 FUC D . 13.59 16.90 -2.95
C5 FUC D . 15.10 17.13 -3.16
C6 FUC D . 15.43 18.32 -4.04
O2 FUC D . 13.34 13.49 -4.57
O3 FUC D . 11.85 15.26 -2.89
O4 FUC D . 12.85 17.62 -3.92
O5 FUC D . 15.80 16.00 -3.71
#